data_5F5A
#
_entry.id   5F5A
#
_cell.length_a   71.280
_cell.length_b   71.280
_cell.length_c   150.360
_cell.angle_alpha   90.000
_cell.angle_beta   90.000
_cell.angle_gamma   90.000
#
_symmetry.space_group_name_H-M   'P 43 21 2'
#
loop_
_entity.id
_entity.type
_entity.pdbx_description
1 polymer 'Lysine-specific demethylase 4D'
2 non-polymer 'ZINC ION'
3 non-polymer 'NICKEL (II) ION'
4 non-polymer '2-[(furan-2-ylmethylamino)methyl]pyridine-4-carboxylic acid'
5 non-polymer 1,2-ETHANEDIOL
6 non-polymer 'SULFATE ION'
7 water water
#
_entity_poly.entity_id   1
_entity_poly.type   'polypeptide(L)'
_entity_poly.pdbx_seq_one_letter_code
;YFQSMETMKSKANCAQNPNCNIMIFHPTKEEFNDFDKYIAYMESQGAHRAGLAKIIPPKEWKARETYDNISEILIATPLQ
QVASGRAGVFTQYHKKKKAMTVGEYRHLANSKKYQTPPHQNFEDLERKYWKNRIYNSPIYGADISGSLFDENTKQWNLGH
LGTIQDLLEKECGVVIEGVNTPYLYFGMWKTTFAWHTEDMDLYSINYLHLGEPKTWYVVPPEHGQRLERLARELFPGSSR
GCGAFLRHKVALISPTVLKENGIPFNRITQEAGEFMVTFPYGYHAGFNHGFNCAEAINFATPRWIDYGKMASQCSCGEAR
VTFSMDAFVRILQPERYDLWKRGQDR
;
_entity_poly.pdbx_strand_id   A
#
# COMPACT_ATOMS: atom_id res chain seq x y z
N ALA A 15 16.35 0.71 23.30
CA ALA A 15 15.68 0.82 21.95
C ALA A 15 14.15 0.85 22.09
N GLN A 16 13.49 1.78 21.41
CA GLN A 16 12.06 1.94 21.53
C GLN A 16 11.32 0.89 20.70
N ASN A 17 10.18 0.44 21.23
CA ASN A 17 9.31 -0.52 20.53
C ASN A 17 10.05 -1.81 20.10
N PRO A 18 10.75 -2.49 21.05
CA PRO A 18 11.53 -3.67 20.66
C PRO A 18 10.73 -4.86 20.14
N ASN A 19 9.47 -4.97 20.57
CA ASN A 19 8.59 -6.03 20.08
C ASN A 19 7.98 -5.70 18.70
N CYS A 20 8.24 -4.49 18.17
CA CYS A 20 7.79 -4.14 16.82
C CYS A 20 6.25 -4.11 16.71
N ASN A 21 5.58 -3.62 17.76
CA ASN A 21 4.13 -3.46 17.75
C ASN A 21 3.71 -2.32 16.85
N ILE A 22 2.54 -2.45 16.23
CA ILE A 22 1.93 -1.32 15.50
C ILE A 22 1.46 -0.29 16.53
N MET A 23 1.98 0.92 16.40
CA MET A 23 1.63 2.04 17.28
C MET A 23 0.54 2.92 16.65
N ILE A 24 -0.29 3.50 17.51
CA ILE A 24 -1.40 4.35 17.12
C ILE A 24 -1.15 5.73 17.74
N PHE A 25 -1.21 6.78 16.93
CA PHE A 25 -0.91 8.16 17.32
C PHE A 25 -2.15 9.05 17.21
N HIS A 26 -2.28 9.97 18.16
CA HIS A 26 -3.36 10.96 18.22
C HIS A 26 -2.77 12.38 18.28
N PRO A 27 -2.19 12.88 17.17
CA PRO A 27 -1.65 14.25 17.19
C PRO A 27 -2.71 15.31 17.49
N THR A 28 -2.30 16.36 18.20
CA THR A 28 -3.14 17.54 18.32
C THR A 28 -3.09 18.35 17.02
N LYS A 29 -3.98 19.33 16.90
CA LYS A 29 -3.95 20.18 15.72
C LYS A 29 -2.60 20.91 15.57
N GLU A 30 -1.94 21.28 16.68
CA GLU A 30 -0.61 21.92 16.59
C GLU A 30 0.44 20.92 16.08
N GLU A 31 0.38 19.70 16.56
CA GLU A 31 1.30 18.65 16.14
C GLU A 31 1.07 18.22 14.69
N PHE A 32 -0.10 18.51 14.14
CA PHE A 32 -0.49 18.13 12.79
C PHE A 32 -0.01 19.15 11.75
N ASN A 33 0.65 20.22 12.19
CA ASN A 33 1.09 21.27 11.29
C ASN A 33 2.34 21.01 10.49
N ASP A 34 3.22 20.15 10.97
CA ASP A 34 4.53 19.92 10.35
C ASP A 34 4.67 18.42 10.12
N PHE A 35 4.37 17.99 8.90
CA PHE A 35 4.36 16.56 8.54
C PHE A 35 5.70 15.87 8.83
N ASP A 36 6.79 16.44 8.33
CA ASP A 36 8.11 15.82 8.49
C ASP A 36 8.47 15.67 10.00
N LYS A 37 8.17 16.73 10.77
CA LYS A 37 8.45 16.70 12.20
C LYS A 37 7.70 15.56 12.90
N TYR A 38 6.44 15.37 12.54
CA TYR A 38 5.66 14.33 13.21
C TYR A 38 6.09 12.93 12.81
N ILE A 39 6.46 12.71 11.56
CA ILE A 39 6.99 11.41 11.15
C ILE A 39 8.26 11.13 11.97
N ALA A 40 9.15 12.13 12.09
CA ALA A 40 10.37 11.94 12.86
C ALA A 40 10.05 11.64 14.34
N TYR A 41 9.05 12.33 14.90
CA TYR A 41 8.59 12.04 16.25
C TYR A 41 8.11 10.59 16.42
N MET A 42 7.27 10.13 15.49
N MET A 42 7.27 10.12 15.50
CA MET A 42 6.81 8.75 15.56
CA MET A 42 6.81 8.74 15.57
C MET A 42 7.99 7.77 15.58
C MET A 42 7.99 7.76 15.58
N GLU A 43 8.99 8.03 14.74
CA GLU A 43 10.17 7.17 14.68
C GLU A 43 10.99 7.24 15.99
N SER A 44 11.03 8.41 16.60
CA SER A 44 11.69 8.54 17.89
C SER A 44 11.08 7.64 18.97
N GLN A 45 9.79 7.31 18.80
CA GLN A 45 9.07 6.40 19.69
C GLN A 45 9.11 4.94 19.20
N GLY A 46 9.85 4.66 18.11
CA GLY A 46 9.98 3.31 17.61
C GLY A 46 8.90 2.83 16.67
N ALA A 47 8.08 3.76 16.16
CA ALA A 47 6.93 3.33 15.33
C ALA A 47 7.36 2.54 14.10
N HIS A 48 8.44 2.96 13.47
CA HIS A 48 8.91 2.32 12.25
C HIS A 48 9.26 0.85 12.41
N ARG A 49 9.60 0.43 13.63
CA ARG A 49 9.99 -0.97 13.81
C ARG A 49 8.87 -1.96 13.45
N ALA A 50 7.61 -1.54 13.56
CA ALA A 50 6.50 -2.37 13.14
C ALA A 50 6.33 -2.50 11.63
N GLY A 51 6.78 -1.49 10.89
CA GLY A 51 6.50 -1.39 9.44
C GLY A 51 5.28 -0.59 9.06
N LEU A 52 4.42 -0.33 10.04
CA LEU A 52 3.10 0.30 9.83
C LEU A 52 2.75 1.05 11.10
N ALA A 53 2.15 2.25 10.98
CA ALA A 53 1.59 2.97 12.11
C ALA A 53 0.22 3.54 11.70
N LYS A 54 -0.67 3.71 12.68
CA LYS A 54 -1.95 4.39 12.48
C LYS A 54 -1.84 5.80 13.07
N ILE A 55 -2.42 6.77 12.34
CA ILE A 55 -2.50 8.16 12.83
C ILE A 55 -3.97 8.61 12.73
N ILE A 56 -4.55 8.90 13.88
CA ILE A 56 -5.91 9.39 13.99
C ILE A 56 -5.79 10.93 13.97
N PRO A 57 -6.36 11.60 12.94
CA PRO A 57 -6.23 13.06 12.89
C PRO A 57 -6.95 13.76 14.03
N PRO A 58 -6.50 14.99 14.35
CA PRO A 58 -7.23 15.76 15.36
C PRO A 58 -8.71 15.93 14.97
N LYS A 59 -9.55 16.03 15.98
CA LYS A 59 -11.01 16.15 15.72
C LYS A 59 -11.40 17.40 14.90
N GLU A 60 -10.55 18.43 14.91
CA GLU A 60 -10.81 19.68 14.18
C GLU A 60 -10.51 19.55 12.68
N TRP A 61 -9.93 18.43 12.27
CA TRP A 61 -9.42 18.32 10.91
C TRP A 61 -10.40 17.57 10.03
N LYS A 62 -10.43 17.93 8.75
CA LYS A 62 -11.20 17.18 7.75
C LYS A 62 -10.46 17.18 6.42
N ALA A 63 -10.64 16.11 5.65
CA ALA A 63 -10.01 16.01 4.34
C ALA A 63 -10.70 16.89 3.31
N ARG A 64 -12.03 16.95 3.38
CA ARG A 64 -12.85 17.79 2.52
C ARG A 64 -14.22 17.91 3.22
N GLU A 65 -15.11 18.72 2.65
CA GLU A 65 -16.40 18.98 3.24
C GLU A 65 -17.33 17.79 3.22
N THR A 66 -17.56 17.23 2.04
CA THR A 66 -18.44 16.05 1.89
C THR A 66 -17.95 15.15 0.78
N TYR A 67 -18.48 13.95 0.78
CA TYR A 67 -18.25 13.01 -0.30
C TYR A 67 -19.46 12.86 -1.22
N ASP A 68 -20.33 13.88 -1.25
CA ASP A 68 -21.56 13.81 -2.01
C ASP A 68 -21.40 13.93 -3.51
N ASN A 69 -20.22 14.37 -4.00
CA ASN A 69 -20.10 14.73 -5.41
C ASN A 69 -19.00 13.93 -6.14
N ILE A 70 -18.77 12.68 -5.71
CA ILE A 70 -17.67 11.84 -6.25
C ILE A 70 -18.11 10.75 -7.26
N SER A 71 -19.41 10.67 -7.56
N SER A 71 -19.41 10.64 -7.53
CA SER A 71 -19.90 9.52 -8.31
CA SER A 71 -19.93 9.52 -8.32
C SER A 71 -19.54 9.53 -9.80
C SER A 71 -19.49 9.53 -9.79
N GLU A 72 -19.10 10.69 -10.32
CA GLU A 72 -18.77 10.83 -11.74
C GLU A 72 -17.27 10.66 -12.01
N ILE A 73 -16.47 10.42 -10.97
CA ILE A 73 -15.09 9.96 -11.18
C ILE A 73 -15.13 8.67 -12.03
N LEU A 74 -14.24 8.54 -12.98
CA LEU A 74 -14.15 7.32 -13.81
C LEU A 74 -13.08 6.38 -13.33
N ILE A 75 -13.43 5.10 -13.25
CA ILE A 75 -12.51 4.01 -13.08
C ILE A 75 -12.33 3.43 -14.52
N ALA A 76 -11.30 3.92 -15.19
CA ALA A 76 -11.10 3.62 -16.62
C ALA A 76 -10.81 2.14 -16.85
N THR A 77 -10.12 1.50 -15.91
CA THR A 77 -9.73 0.09 -16.06
C THR A 77 -9.93 -0.64 -14.71
N PRO A 78 -11.21 -0.92 -14.36
CA PRO A 78 -11.43 -1.79 -13.19
C PRO A 78 -10.75 -3.16 -13.38
N LEU A 79 -10.25 -3.73 -12.28
CA LEU A 79 -9.48 -4.98 -12.33
C LEU A 79 -10.19 -6.08 -11.55
N GLN A 80 -10.52 -7.19 -12.23
CA GLN A 80 -11.12 -8.35 -11.54
C GLN A 80 -9.99 -9.22 -11.00
N GLN A 81 -9.99 -9.47 -9.69
CA GLN A 81 -8.90 -10.14 -9.02
C GLN A 81 -9.19 -11.63 -8.88
N VAL A 82 -8.60 -12.40 -9.78
CA VAL A 82 -8.88 -13.83 -9.90
C VAL A 82 -7.81 -14.62 -9.17
N ALA A 83 -8.21 -15.45 -8.20
CA ALA A 83 -7.24 -16.20 -7.40
C ALA A 83 -6.94 -17.59 -7.92
N SER A 84 -5.70 -18.04 -7.69
N SER A 84 -5.80 -18.10 -7.49
CA SER A 84 -5.28 -19.44 -7.89
CA SER A 84 -5.36 -19.43 -7.87
C SER A 84 -4.51 -19.91 -6.67
C SER A 84 -4.41 -19.97 -6.81
N GLY A 85 -4.71 -21.15 -6.27
CA GLY A 85 -3.92 -21.77 -5.18
C GLY A 85 -4.86 -22.31 -4.15
N ARG A 86 -4.45 -22.28 -2.90
N ARG A 86 -4.43 -22.24 -2.90
CA ARG A 86 -5.25 -22.75 -1.80
CA ARG A 86 -5.19 -22.71 -1.76
C ARG A 86 -5.64 -21.54 -0.97
C ARG A 86 -5.60 -21.52 -0.92
N ALA A 87 -6.51 -21.77 0.00
CA ALA A 87 -7.15 -20.69 0.73
C ALA A 87 -6.14 -19.80 1.45
N GLY A 88 -5.11 -20.42 2.03
CA GLY A 88 -4.07 -19.66 2.74
C GLY A 88 -2.83 -19.26 1.95
N VAL A 89 -2.66 -19.81 0.75
CA VAL A 89 -1.48 -19.54 -0.11
C VAL A 89 -1.98 -19.47 -1.54
N PHE A 90 -2.08 -18.26 -2.06
CA PHE A 90 -2.60 -18.06 -3.40
C PHE A 90 -1.94 -16.93 -4.13
N THR A 91 -2.09 -16.93 -5.44
CA THR A 91 -1.75 -15.78 -6.26
C THR A 91 -3.03 -15.19 -6.84
N GLN A 92 -2.96 -13.92 -7.21
CA GLN A 92 -4.07 -13.31 -7.93
C GLN A 92 -3.56 -12.63 -9.18
N TYR A 93 -4.34 -12.76 -10.24
CA TYR A 93 -4.07 -11.96 -11.43
C TYR A 93 -5.24 -11.01 -11.68
N HIS A 94 -4.94 -9.98 -12.44
N HIS A 94 -4.94 -9.98 -12.43
CA HIS A 94 -5.83 -8.84 -12.63
CA HIS A 94 -5.85 -8.90 -12.65
C HIS A 94 -6.40 -8.82 -14.05
C HIS A 94 -6.36 -9.00 -14.07
N LYS A 95 -7.66 -9.20 -14.21
CA LYS A 95 -8.34 -9.20 -15.51
C LYS A 95 -9.00 -7.83 -15.75
N LYS A 96 -8.65 -7.18 -16.86
CA LYS A 96 -9.19 -5.86 -17.16
C LYS A 96 -10.66 -5.94 -17.53
N LYS A 97 -11.44 -5.01 -16.99
CA LYS A 97 -12.88 -4.93 -17.23
C LYS A 97 -13.19 -3.59 -17.90
N LYS A 98 -14.40 -3.47 -18.47
CA LYS A 98 -14.85 -2.22 -19.07
C LYS A 98 -14.94 -1.08 -18.05
N ALA A 99 -14.73 0.15 -18.51
CA ALA A 99 -14.78 1.32 -17.63
C ALA A 99 -16.12 1.50 -16.93
N MET A 100 -16.10 2.06 -15.75
N MET A 100 -16.06 2.00 -15.69
CA MET A 100 -17.33 2.41 -15.08
CA MET A 100 -17.24 2.31 -14.88
C MET A 100 -17.06 3.57 -14.14
C MET A 100 -17.02 3.62 -14.16
N THR A 101 -18.10 4.33 -13.85
CA THR A 101 -18.00 5.45 -12.92
C THR A 101 -17.97 4.92 -11.47
N VAL A 102 -17.55 5.78 -10.55
CA VAL A 102 -17.61 5.43 -9.13
C VAL A 102 -19.04 5.12 -8.70
N GLY A 103 -20.03 5.85 -9.23
CA GLY A 103 -21.41 5.51 -8.88
C GLY A 103 -21.81 4.11 -9.34
N GLU A 104 -21.41 3.74 -10.53
CA GLU A 104 -21.69 2.41 -11.05
C GLU A 104 -20.95 1.34 -10.22
N TYR A 105 -19.70 1.63 -9.89
CA TYR A 105 -18.87 0.73 -9.07
C TYR A 105 -19.48 0.51 -7.68
N ARG A 106 -19.92 1.58 -7.04
CA ARG A 106 -20.56 1.48 -5.72
C ARG A 106 -21.79 0.57 -5.79
N HIS A 107 -22.61 0.79 -6.81
CA HIS A 107 -23.79 -0.07 -7.00
C HIS A 107 -23.40 -1.54 -7.17
N LEU A 108 -22.36 -1.78 -7.97
CA LEU A 108 -21.84 -3.13 -8.16
C LEU A 108 -21.34 -3.74 -6.85
N ALA A 109 -20.56 -2.97 -6.09
CA ALA A 109 -20.05 -3.42 -4.78
C ALA A 109 -21.15 -3.86 -3.81
N ASN A 110 -22.28 -3.14 -3.87
CA ASN A 110 -23.42 -3.38 -2.96
C ASN A 110 -24.41 -4.42 -3.47
N SER A 111 -24.17 -4.96 -4.67
CA SER A 111 -25.06 -5.96 -5.25
C SER A 111 -24.96 -7.27 -4.51
N LYS A 112 -25.95 -8.16 -4.68
CA LYS A 112 -25.93 -9.42 -3.95
C LYS A 112 -24.66 -10.22 -4.25
N LYS A 113 -24.18 -10.17 -5.49
CA LYS A 113 -23.00 -10.95 -5.89
C LYS A 113 -21.72 -10.53 -5.14
N TYR A 114 -21.59 -9.24 -4.84
CA TYR A 114 -20.33 -8.69 -4.33
C TYR A 114 -20.38 -8.12 -2.91
N GLN A 115 -21.56 -7.99 -2.33
CA GLN A 115 -21.66 -7.29 -1.02
C GLN A 115 -21.05 -8.07 0.13
N THR A 116 -20.60 -7.32 1.13
CA THR A 116 -20.12 -7.89 2.39
C THR A 116 -21.18 -8.81 3.01
N PRO A 117 -20.79 -10.02 3.42
CA PRO A 117 -21.74 -10.93 4.04
C PRO A 117 -22.08 -10.51 5.46
N PRO A 118 -23.19 -11.03 5.98
CA PRO A 118 -23.44 -10.88 7.41
C PRO A 118 -22.28 -11.42 8.23
N HIS A 119 -21.94 -10.69 9.28
CA HIS A 119 -20.80 -11.07 10.14
C HIS A 119 -20.97 -10.48 11.51
N GLN A 120 -20.31 -11.09 12.49
CA GLN A 120 -20.47 -10.65 13.88
C GLN A 120 -19.58 -9.46 14.31
N ASN A 121 -18.37 -9.41 13.76
CA ASN A 121 -17.32 -8.45 14.13
C ASN A 121 -16.15 -8.51 13.13
N PHE A 122 -15.12 -7.69 13.30
CA PHE A 122 -13.97 -7.71 12.37
C PHE A 122 -13.26 -9.09 12.30
N GLU A 123 -13.10 -9.74 13.46
CA GLU A 123 -12.45 -11.05 13.51
C GLU A 123 -13.24 -12.12 12.73
N ASP A 124 -14.57 -12.08 12.83
CA ASP A 124 -15.42 -13.00 12.05
C ASP A 124 -15.28 -12.76 10.54
N LEU A 125 -15.26 -11.50 10.15
CA LEU A 125 -15.10 -11.15 8.75
C LEU A 125 -13.72 -11.58 8.23
N GLU A 126 -12.68 -11.41 9.05
CA GLU A 126 -11.34 -11.88 8.68
C GLU A 126 -11.34 -13.39 8.46
N ARG A 127 -11.99 -14.15 9.35
CA ARG A 127 -12.09 -15.59 9.17
C ARG A 127 -12.78 -15.92 7.84
N LYS A 128 -13.89 -15.25 7.56
CA LYS A 128 -14.60 -15.45 6.30
C LYS A 128 -13.75 -15.12 5.08
N TYR A 129 -12.98 -14.03 5.17
CA TYR A 129 -12.09 -13.66 4.08
C TYR A 129 -11.11 -14.78 3.75
N TRP A 130 -10.39 -15.27 4.77
CA TRP A 130 -9.38 -16.27 4.48
C TRP A 130 -9.96 -17.63 4.12
N LYS A 131 -11.13 -17.95 4.65
CA LYS A 131 -11.76 -19.20 4.30
C LYS A 131 -12.26 -19.16 2.83
N ASN A 132 -12.79 -18.00 2.42
CA ASN A 132 -13.63 -17.91 1.23
C ASN A 132 -13.09 -17.03 0.10
N ARG A 133 -12.03 -16.28 0.34
CA ARG A 133 -11.53 -15.33 -0.71
C ARG A 133 -11.29 -15.96 -2.06
N ILE A 134 -10.61 -17.11 -2.09
CA ILE A 134 -10.23 -17.68 -3.40
C ILE A 134 -11.40 -18.07 -4.27
N TYR A 135 -12.59 -18.28 -3.67
CA TYR A 135 -13.75 -18.73 -4.41
C TYR A 135 -14.53 -17.63 -5.14
N ASN A 136 -14.07 -16.39 -4.99
CA ASN A 136 -14.71 -15.25 -5.60
C ASN A 136 -13.65 -14.40 -6.30
N SER A 137 -14.12 -13.54 -7.23
CA SER A 137 -13.28 -12.62 -7.99
C SER A 137 -13.81 -11.17 -7.92
N PRO A 138 -13.51 -10.47 -6.81
CA PRO A 138 -13.97 -9.09 -6.65
C PRO A 138 -13.30 -8.14 -7.64
N ILE A 139 -13.90 -6.97 -7.85
CA ILE A 139 -13.43 -6.00 -8.83
C ILE A 139 -12.89 -4.80 -8.07
N TYR A 140 -11.63 -4.42 -8.38
N TYR A 140 -11.78 -4.22 -8.52
CA TYR A 140 -10.89 -3.36 -7.67
CA TYR A 140 -11.03 -3.22 -7.76
C TYR A 140 -10.66 -2.20 -8.64
C TYR A 140 -10.64 -2.01 -8.63
N GLY A 141 -10.85 -0.99 -8.15
N GLY A 141 -11.05 -0.80 -8.23
CA GLY A 141 -10.49 0.21 -8.91
CA GLY A 141 -10.48 0.41 -8.79
C GLY A 141 -9.22 0.83 -8.37
C GLY A 141 -9.13 0.64 -8.15
N ALA A 142 -8.06 0.36 -8.87
CA ALA A 142 -6.73 0.65 -8.30
C ALA A 142 -5.91 1.61 -9.12
N ASP A 143 -5.02 2.32 -8.45
CA ASP A 143 -3.96 3.10 -9.09
C ASP A 143 -4.52 4.19 -10.02
N ILE A 144 -5.55 4.88 -9.55
CA ILE A 144 -6.18 5.94 -10.32
C ILE A 144 -5.55 7.27 -9.93
N SER A 145 -4.81 7.90 -10.83
N SER A 145 -4.86 7.90 -10.85
CA SER A 145 -4.16 9.16 -10.47
CA SER A 145 -4.21 9.16 -10.55
C SER A 145 -5.23 10.19 -10.12
C SER A 145 -5.24 10.23 -10.15
N GLY A 146 -5.07 10.84 -8.98
CA GLY A 146 -6.00 11.85 -8.51
C GLY A 146 -6.01 12.03 -7.00
N SER A 147 -6.85 12.97 -6.56
CA SER A 147 -6.94 13.29 -5.15
C SER A 147 -8.36 13.70 -4.78
N LEU A 148 -8.74 13.36 -3.55
CA LEU A 148 -10.02 13.84 -2.96
C LEU A 148 -9.82 14.81 -1.81
N PHE A 149 -8.59 15.23 -1.55
CA PHE A 149 -8.40 16.30 -0.55
C PHE A 149 -8.82 17.64 -1.12
N ASP A 150 -9.49 18.44 -0.30
CA ASP A 150 -9.83 19.82 -0.69
C ASP A 150 -8.53 20.60 -0.83
N GLU A 151 -8.41 21.45 -1.85
CA GLU A 151 -7.17 22.24 -1.97
C GLU A 151 -6.93 23.14 -0.77
N ASN A 152 -7.98 23.48 -0.01
CA ASN A 152 -7.83 24.33 1.18
C ASN A 152 -7.55 23.56 2.47
N THR A 153 -7.47 22.23 2.38
CA THR A 153 -6.98 21.46 3.50
C THR A 153 -5.47 21.62 3.60
N LYS A 154 -5.00 22.25 4.68
CA LYS A 154 -3.59 22.66 4.80
C LYS A 154 -2.69 21.71 5.58
N GLN A 155 -3.26 20.73 6.27
CA GLN A 155 -2.48 19.77 7.03
C GLN A 155 -2.68 18.36 6.44
N TRP A 156 -1.58 17.63 6.27
CA TRP A 156 -1.64 16.23 5.86
C TRP A 156 -2.46 16.02 4.57
N ASN A 157 -2.31 16.97 3.65
CA ASN A 157 -2.96 16.90 2.36
C ASN A 157 -2.02 16.11 1.46
N LEU A 158 -2.45 14.92 1.05
CA LEU A 158 -1.57 14.01 0.32
C LEU A 158 -1.19 14.50 -1.06
N GLY A 159 -1.86 15.52 -1.60
CA GLY A 159 -1.42 16.17 -2.84
C GLY A 159 -0.42 17.30 -2.66
N HIS A 160 -0.11 17.66 -1.40
CA HIS A 160 0.76 18.79 -1.08
C HIS A 160 1.95 18.38 -0.23
N LEU A 161 2.38 17.14 -0.32
CA LEU A 161 3.54 16.75 0.45
C LEU A 161 4.81 17.14 -0.34
N GLY A 162 5.91 17.25 0.36
CA GLY A 162 7.20 17.38 -0.31
C GLY A 162 7.49 16.20 -1.22
N THR A 163 8.06 16.47 -2.40
CA THR A 163 8.23 15.40 -3.38
C THR A 163 9.47 14.57 -3.05
N ILE A 164 9.47 13.34 -3.50
N ILE A 164 9.43 13.32 -3.50
CA ILE A 164 10.64 12.48 -3.29
CA ILE A 164 10.57 12.41 -3.34
C ILE A 164 11.85 13.04 -4.04
C ILE A 164 11.81 12.87 -4.13
N GLN A 165 11.60 13.59 -5.23
CA GLN A 165 12.70 14.14 -6.04
C GLN A 165 13.38 15.29 -5.28
N ASP A 166 12.57 16.14 -4.62
CA ASP A 166 13.15 17.22 -3.83
C ASP A 166 13.88 16.68 -2.61
N LEU A 167 13.36 15.61 -1.99
CA LEU A 167 14.07 14.96 -0.87
C LEU A 167 15.45 14.45 -1.31
N LEU A 168 15.49 13.71 -2.42
N LEU A 168 15.50 13.73 -2.43
CA LEU A 168 16.76 13.22 -2.95
CA LEU A 168 16.78 13.21 -2.93
C LEU A 168 17.75 14.37 -3.21
C LEU A 168 17.76 14.37 -3.20
N GLU A 169 17.25 15.44 -3.81
CA GLU A 169 18.08 16.59 -4.05
C GLU A 169 18.61 17.24 -2.74
N LYS A 170 17.75 17.42 -1.74
CA LYS A 170 18.15 17.99 -0.46
C LYS A 170 19.20 17.11 0.23
N GLU A 171 19.04 15.79 0.17
CA GLU A 171 19.95 14.88 0.85
C GLU A 171 21.25 14.60 0.12
N CYS A 172 21.16 14.49 -1.20
N CYS A 172 21.19 14.43 -1.20
CA CYS A 172 22.28 13.97 -2.01
CA CYS A 172 22.39 14.01 -1.95
C CYS A 172 22.87 15.00 -2.97
C CYS A 172 22.83 14.97 -3.04
N GLY A 173 22.20 16.14 -3.14
CA GLY A 173 22.69 17.21 -3.99
C GLY A 173 22.45 17.06 -5.46
N VAL A 174 21.74 16.03 -5.88
CA VAL A 174 21.50 15.74 -7.30
C VAL A 174 20.05 16.14 -7.66
N VAL A 175 19.90 16.93 -8.70
CA VAL A 175 18.61 17.27 -9.23
C VAL A 175 18.23 16.18 -10.22
N ILE A 176 17.00 15.70 -10.12
CA ILE A 176 16.51 14.66 -11.05
C ILE A 176 15.13 15.02 -11.58
N GLU A 177 14.81 14.49 -12.75
CA GLU A 177 13.47 14.55 -13.32
C GLU A 177 12.52 13.68 -12.51
N GLY A 178 11.23 13.87 -12.77
CA GLY A 178 10.17 13.05 -12.20
C GLY A 178 9.25 13.85 -11.30
N VAL A 179 8.04 13.32 -11.16
CA VAL A 179 7.00 13.87 -10.35
C VAL A 179 6.45 12.74 -9.44
N ASN A 180 5.75 13.13 -8.43
CA ASN A 180 5.28 12.26 -7.37
C ASN A 180 3.87 12.70 -7.07
N THR A 181 2.85 11.94 -7.50
CA THR A 181 1.43 12.38 -7.28
C THR A 181 0.59 11.27 -6.60
N PRO A 182 -0.56 11.63 -5.99
CA PRO A 182 -1.37 10.63 -5.29
C PRO A 182 -2.22 9.78 -6.19
N TYR A 183 -2.66 8.65 -5.65
CA TYR A 183 -3.54 7.69 -6.33
C TYR A 183 -4.74 7.36 -5.46
N LEU A 184 -5.86 7.10 -6.12
CA LEU A 184 -7.11 6.66 -5.52
C LEU A 184 -7.33 5.17 -5.73
N TYR A 185 -7.95 4.56 -4.73
CA TYR A 185 -8.26 3.11 -4.68
C TYR A 185 -9.71 2.96 -4.25
N PHE A 186 -10.56 2.46 -5.15
CA PHE A 186 -11.94 2.14 -4.87
C PHE A 186 -12.04 0.65 -4.67
N GLY A 187 -12.49 0.24 -3.49
CA GLY A 187 -12.54 -1.18 -3.11
C GLY A 187 -13.94 -1.68 -2.85
N MET A 188 -14.04 -3.00 -2.81
CA MET A 188 -15.25 -3.70 -2.40
C MET A 188 -14.83 -4.90 -1.52
N TRP A 189 -15.81 -5.59 -0.97
CA TRP A 189 -15.55 -6.79 -0.17
C TRP A 189 -14.59 -7.74 -0.90
N LYS A 190 -13.57 -8.19 -0.18
CA LYS A 190 -12.56 -9.18 -0.65
C LYS A 190 -11.50 -8.60 -1.60
N THR A 191 -11.63 -7.34 -2.04
CA THR A 191 -10.56 -6.68 -2.78
CA THR A 191 -10.55 -6.79 -2.83
C THR A 191 -9.29 -6.78 -1.95
N THR A 192 -8.17 -7.09 -2.60
CA THR A 192 -6.95 -7.53 -1.92
C THR A 192 -5.73 -6.79 -2.41
N PHE A 193 -4.86 -6.39 -1.47
CA PHE A 193 -3.50 -5.95 -1.81
C PHE A 193 -2.51 -7.02 -1.35
N ALA A 194 -1.74 -7.52 -2.33
CA ALA A 194 -0.80 -8.61 -2.11
C ALA A 194 0.43 -8.16 -1.32
N TRP A 195 1.17 -9.14 -0.80
CA TRP A 195 2.38 -8.87 -0.02
C TRP A 195 3.44 -8.11 -0.83
N HIS A 196 3.84 -6.94 -0.34
CA HIS A 196 4.82 -6.11 -1.05
C HIS A 196 5.44 -5.09 -0.12
N THR A 197 6.61 -4.59 -0.52
CA THR A 197 7.08 -3.29 -0.06
C THR A 197 6.84 -2.25 -1.15
N GLU A 198 7.02 -0.99 -0.80
CA GLU A 198 6.81 0.07 -1.77
C GLU A 198 7.93 0.06 -2.80
N ASP A 199 7.66 0.71 -3.94
CA ASP A 199 8.72 0.91 -4.94
C ASP A 199 9.92 1.57 -4.27
N MET A 200 11.11 1.05 -4.56
CA MET A 200 12.35 1.62 -4.00
C MET A 200 12.39 1.58 -2.48
N ASP A 201 11.54 0.72 -1.89
CA ASP A 201 11.37 0.64 -0.42
C ASP A 201 11.08 1.98 0.23
N LEU A 202 10.29 2.81 -0.49
CA LEU A 202 9.83 4.09 0.05
C LEU A 202 8.83 3.92 1.21
N TYR A 203 8.56 5.04 1.88
CA TYR A 203 7.39 5.12 2.75
C TYR A 203 6.13 5.21 1.88
N SER A 204 4.98 4.88 2.49
N SER A 204 4.98 4.90 2.48
CA SER A 204 3.70 5.29 1.94
CA SER A 204 3.70 5.29 1.88
C SER A 204 2.85 5.90 3.04
C SER A 204 2.77 5.78 2.97
N ILE A 205 1.91 6.73 2.60
CA ILE A 205 0.84 7.21 3.48
C ILE A 205 -0.49 6.94 2.76
N ASN A 206 -1.47 6.47 3.53
N ASN A 206 -1.47 6.51 3.55
CA ASN A 206 -2.77 6.01 3.02
CA ASN A 206 -2.68 5.91 3.04
C ASN A 206 -3.82 6.59 3.90
C ASN A 206 -3.89 6.44 3.85
N TYR A 207 -4.77 7.28 3.26
CA TYR A 207 -5.92 7.86 3.97
C TYR A 207 -7.19 7.18 3.49
N LEU A 208 -8.00 6.65 4.43
CA LEU A 208 -9.27 6.00 4.09
C LEU A 208 -10.36 7.08 4.14
N HIS A 209 -10.72 7.60 2.95
CA HIS A 209 -11.65 8.71 2.84
C HIS A 209 -13.07 8.38 3.28
N LEU A 210 -13.54 7.19 2.93
N LEU A 210 -13.57 7.21 2.89
CA LEU A 210 -14.96 6.90 2.90
CA LEU A 210 -14.95 6.88 3.14
C LEU A 210 -15.23 5.39 2.86
C LEU A 210 -15.14 5.39 3.04
N GLY A 211 -16.25 4.94 3.62
CA GLY A 211 -16.77 3.60 3.47
C GLY A 211 -16.25 2.63 4.49
N GLU A 212 -16.25 1.36 4.10
CA GLU A 212 -15.98 0.26 4.99
C GLU A 212 -14.47 0.10 5.27
N PRO A 213 -14.12 -0.67 6.33
CA PRO A 213 -12.72 -0.72 6.71
C PRO A 213 -11.78 -1.47 5.77
N LYS A 214 -10.50 -1.35 6.10
N LYS A 214 -10.51 -1.43 6.15
CA LYS A 214 -9.40 -2.05 5.42
CA LYS A 214 -9.42 -2.02 5.39
C LYS A 214 -8.56 -2.71 6.49
C LYS A 214 -8.50 -2.69 6.43
N THR A 215 -8.38 -4.02 6.37
CA THR A 215 -7.50 -4.77 7.30
C THR A 215 -6.11 -4.92 6.67
N TRP A 216 -5.10 -4.64 7.49
CA TRP A 216 -3.69 -4.69 7.14
C TRP A 216 -2.94 -5.77 7.92
N TYR A 217 -1.98 -6.38 7.22
CA TYR A 217 -0.96 -7.28 7.80
C TYR A 217 0.42 -6.69 7.48
N VAL A 218 1.36 -6.79 8.41
CA VAL A 218 2.69 -6.20 8.21
C VAL A 218 3.77 -6.99 8.90
N VAL A 219 4.93 -7.13 8.24
CA VAL A 219 6.11 -7.74 8.80
C VAL A 219 7.12 -6.63 9.18
N PRO A 220 7.70 -6.67 10.39
CA PRO A 220 8.69 -5.64 10.75
C PRO A 220 9.83 -5.57 9.71
N PRO A 221 10.28 -4.37 9.36
CA PRO A 221 11.41 -4.26 8.42
C PRO A 221 12.63 -5.11 8.80
N GLU A 222 12.94 -5.19 10.10
CA GLU A 222 14.11 -5.94 10.52
C GLU A 222 13.98 -7.45 10.28
N HIS A 223 12.77 -7.92 9.94
CA HIS A 223 12.49 -9.33 9.66
C HIS A 223 11.98 -9.58 8.24
N GLY A 224 12.11 -8.59 7.36
CA GLY A 224 11.63 -8.76 5.99
C GLY A 224 12.20 -9.94 5.23
N GLN A 225 13.47 -10.25 5.46
CA GLN A 225 14.07 -11.40 4.77
C GLN A 225 13.44 -12.72 5.17
N ARG A 226 12.87 -12.81 6.37
CA ARG A 226 12.15 -14.03 6.77
C ARG A 226 10.92 -14.24 5.89
N LEU A 227 10.18 -13.17 5.63
CA LEU A 227 9.05 -13.23 4.75
C LEU A 227 9.48 -13.63 3.33
N GLU A 228 10.57 -13.01 2.85
CA GLU A 228 11.08 -13.33 1.52
C GLU A 228 11.42 -14.84 1.37
N ARG A 229 12.08 -15.39 2.38
CA ARG A 229 12.47 -16.80 2.35
C ARG A 229 11.25 -17.69 2.30
N LEU A 230 10.25 -17.41 3.14
CA LEU A 230 9.02 -18.19 3.07
C LEU A 230 8.34 -18.07 1.71
N ALA A 231 8.26 -16.84 1.17
CA ALA A 231 7.66 -16.63 -0.12
C ALA A 231 8.34 -17.45 -1.21
N ARG A 232 9.67 -17.52 -1.18
N ARG A 232 9.67 -17.53 -1.18
CA ARG A 232 10.39 -18.32 -2.18
CA ARG A 232 10.40 -18.35 -2.17
C ARG A 232 10.06 -19.82 -2.07
C ARG A 232 9.97 -19.81 -2.06
N GLU A 233 9.83 -20.31 -0.84
CA GLU A 233 9.39 -21.69 -0.64
C GLU A 233 7.93 -21.94 -1.09
N LEU A 234 7.04 -20.97 -0.85
CA LEU A 234 5.62 -21.13 -1.14
C LEU A 234 5.22 -20.86 -2.58
N PHE A 235 6.05 -20.11 -3.31
CA PHE A 235 5.82 -19.76 -4.71
C PHE A 235 7.08 -20.11 -5.53
N PRO A 236 7.41 -21.42 -5.60
CA PRO A 236 8.73 -21.77 -6.12
C PRO A 236 8.95 -21.42 -7.59
N GLY A 237 7.94 -21.62 -8.44
CA GLY A 237 8.07 -21.24 -9.85
C GLY A 237 8.23 -19.74 -10.03
N SER A 238 7.44 -18.95 -9.31
CA SER A 238 7.58 -17.48 -9.37
C SER A 238 8.97 -17.03 -8.94
N SER A 239 9.49 -17.65 -7.88
CA SER A 239 10.84 -17.33 -7.39
C SER A 239 11.92 -17.64 -8.40
N ARG A 240 11.81 -18.78 -9.09
CA ARG A 240 12.79 -19.07 -10.15
C ARG A 240 12.74 -18.04 -11.27
N GLY A 241 11.55 -17.52 -11.55
CA GLY A 241 11.36 -16.56 -12.62
C GLY A 241 11.91 -15.17 -12.35
N CYS A 242 12.01 -14.77 -11.07
CA CYS A 242 12.39 -13.41 -10.70
C CYS A 242 12.86 -13.33 -9.26
N GLY A 243 14.07 -12.82 -9.05
CA GLY A 243 14.64 -12.65 -7.72
C GLY A 243 13.92 -11.66 -6.83
N ALA A 244 13.01 -10.86 -7.42
CA ALA A 244 12.22 -9.88 -6.66
C ALA A 244 10.74 -10.04 -7.05
N PHE A 245 10.26 -11.29 -7.13
CA PHE A 245 8.89 -11.53 -7.61
C PHE A 245 7.79 -10.94 -6.74
N LEU A 246 8.06 -10.60 -5.49
CA LEU A 246 7.02 -9.93 -4.70
C LEU A 246 6.69 -8.52 -5.23
N ARG A 247 7.62 -7.94 -6.00
CA ARG A 247 7.39 -6.71 -6.77
C ARG A 247 6.21 -6.84 -7.76
N HIS A 248 5.85 -8.07 -8.15
CA HIS A 248 4.72 -8.28 -9.05
C HIS A 248 3.37 -8.06 -8.39
N LYS A 249 3.35 -8.05 -7.05
CA LYS A 249 2.15 -7.72 -6.28
C LYS A 249 1.04 -8.71 -6.58
N VAL A 250 1.40 -10.01 -6.53
CA VAL A 250 0.44 -11.08 -6.80
C VAL A 250 0.32 -12.15 -5.69
N ALA A 251 1.18 -12.15 -4.65
CA ALA A 251 1.25 -13.28 -3.71
C ALA A 251 0.54 -12.97 -2.41
N LEU A 252 -0.33 -13.90 -2.00
CA LEU A 252 -1.01 -13.83 -0.70
C LEU A 252 -0.67 -15.02 0.16
N ILE A 253 -0.44 -14.72 1.44
CA ILE A 253 -0.14 -15.72 2.47
C ILE A 253 -0.98 -15.32 3.69
N SER A 254 -1.77 -16.27 4.20
CA SER A 254 -2.65 -15.99 5.34
C SER A 254 -1.92 -15.86 6.67
N PRO A 255 -2.53 -15.19 7.65
CA PRO A 255 -1.91 -15.14 8.98
C PRO A 255 -1.68 -16.53 9.58
N THR A 256 -2.57 -17.47 9.31
CA THR A 256 -2.40 -18.84 9.84
C THR A 256 -1.10 -19.45 9.29
N VAL A 257 -0.88 -19.31 7.98
CA VAL A 257 0.33 -19.85 7.37
C VAL A 257 1.58 -19.13 7.87
N LEU A 258 1.50 -17.80 8.04
CA LEU A 258 2.62 -17.08 8.61
C LEU A 258 2.95 -17.60 10.03
N LYS A 259 1.93 -17.76 10.88
CA LYS A 259 2.14 -18.30 12.24
C LYS A 259 2.74 -19.71 12.19
N GLU A 260 2.25 -20.55 11.28
CA GLU A 260 2.79 -21.94 11.19
C GLU A 260 4.27 -21.97 10.88
N ASN A 261 4.71 -20.95 10.11
CA ASN A 261 6.10 -20.80 9.68
C ASN A 261 6.96 -19.84 10.52
N GLY A 262 6.42 -19.41 11.67
CA GLY A 262 7.17 -18.59 12.60
C GLY A 262 7.55 -17.22 12.10
N ILE A 263 6.76 -16.65 11.17
CA ILE A 263 7.08 -15.34 10.63
C ILE A 263 6.51 -14.27 11.56
N PRO A 264 7.36 -13.32 12.03
CA PRO A 264 6.81 -12.25 12.86
C PRO A 264 5.95 -11.30 12.03
N PHE A 265 4.74 -11.02 12.52
CA PHE A 265 3.88 -10.05 11.82
C PHE A 265 2.86 -9.47 12.81
N ASN A 266 2.18 -8.42 12.37
CA ASN A 266 1.08 -7.84 13.12
C ASN A 266 -0.07 -7.53 12.18
N ARG A 267 -1.24 -7.29 12.76
CA ARG A 267 -2.43 -6.92 12.01
C ARG A 267 -3.16 -5.77 12.68
N ILE A 268 -3.85 -4.98 11.88
CA ILE A 268 -4.69 -3.90 12.39
C ILE A 268 -5.74 -3.55 11.34
N THR A 269 -6.89 -3.03 11.79
CA THR A 269 -7.93 -2.58 10.87
C THR A 269 -8.03 -1.06 10.90
N GLN A 270 -7.95 -0.48 9.71
CA GLN A 270 -8.08 0.96 9.45
C GLN A 270 -9.54 1.27 9.14
N GLU A 271 -10.07 2.34 9.74
CA GLU A 271 -11.43 2.80 9.52
C GLU A 271 -11.44 4.16 8.84
N ALA A 272 -12.57 4.50 8.26
CA ALA A 272 -12.69 5.76 7.53
C ALA A 272 -12.29 6.92 8.45
N GLY A 273 -11.56 7.85 7.88
CA GLY A 273 -11.05 9.00 8.62
C GLY A 273 -9.68 8.83 9.25
N GLU A 274 -9.04 7.68 9.04
CA GLU A 274 -7.75 7.38 9.63
C GLU A 274 -6.66 7.25 8.56
N PHE A 275 -5.46 7.69 8.92
CA PHE A 275 -4.24 7.50 8.12
C PHE A 275 -3.47 6.27 8.58
N MET A 276 -2.83 5.59 7.63
CA MET A 276 -1.80 4.61 7.91
C MET A 276 -0.52 5.02 7.19
N VAL A 277 0.62 4.87 7.88
CA VAL A 277 1.93 5.08 7.27
C VAL A 277 2.64 3.73 7.21
N THR A 278 3.15 3.36 6.04
CA THR A 278 4.07 2.23 5.91
C THR A 278 5.50 2.77 5.83
N PHE A 279 6.41 2.05 6.48
CA PHE A 279 7.80 2.46 6.63
C PHE A 279 8.70 1.69 5.65
N PRO A 280 9.88 2.22 5.34
CA PRO A 280 10.76 1.56 4.38
C PRO A 280 11.00 0.08 4.69
N TYR A 281 10.78 -0.75 3.68
CA TYR A 281 11.03 -2.20 3.76
C TYR A 281 10.07 -2.92 4.72
N GLY A 282 8.90 -2.32 4.97
CA GLY A 282 7.84 -2.97 5.74
C GLY A 282 6.90 -3.68 4.76
N TYR A 283 7.05 -4.99 4.64
CA TYR A 283 6.13 -5.80 3.81
C TYR A 283 4.74 -5.72 4.38
N HIS A 284 3.76 -5.55 3.51
CA HIS A 284 2.39 -5.47 3.94
C HIS A 284 1.42 -6.04 2.91
N ALA A 285 0.23 -6.41 3.38
CA ALA A 285 -0.84 -7.01 2.56
C ALA A 285 -2.16 -6.72 3.27
N GLY A 286 -3.28 -6.94 2.61
CA GLY A 286 -4.54 -6.75 3.31
C GLY A 286 -5.74 -6.83 2.41
N PHE A 287 -6.90 -6.47 2.96
CA PHE A 287 -8.14 -6.59 2.20
C PHE A 287 -9.16 -5.56 2.66
N ASN A 288 -10.11 -5.27 1.77
CA ASN A 288 -11.21 -4.35 2.06
C ASN A 288 -12.47 -5.09 2.53
N HIS A 289 -13.16 -4.46 3.47
CA HIS A 289 -14.38 -5.04 4.08
C HIS A 289 -15.61 -4.87 3.24
N GLY A 290 -15.62 -3.90 2.33
CA GLY A 290 -16.82 -3.48 1.63
C GLY A 290 -16.47 -2.25 0.80
N PHE A 291 -17.47 -1.60 0.20
CA PHE A 291 -17.22 -0.42 -0.63
C PHE A 291 -16.46 0.61 0.17
N ASN A 292 -15.36 1.08 -0.41
CA ASN A 292 -14.57 2.16 0.20
C ASN A 292 -13.71 2.91 -0.81
N CYS A 293 -13.12 4.01 -0.36
CA CYS A 293 -12.22 4.80 -1.18
C CYS A 293 -11.07 5.24 -0.31
N ALA A 294 -9.86 4.92 -0.76
CA ALA A 294 -8.62 5.34 -0.11
C ALA A 294 -7.76 6.13 -1.10
N GLU A 295 -6.88 6.95 -0.54
CA GLU A 295 -5.93 7.73 -1.33
C GLU A 295 -4.55 7.44 -0.74
N ALA A 296 -3.54 7.23 -1.59
CA ALA A 296 -2.20 6.91 -1.10
C ALA A 296 -1.15 7.58 -1.97
N ILE A 297 0.02 7.79 -1.38
CA ILE A 297 1.16 8.33 -2.10
C ILE A 297 2.42 7.83 -1.41
N ASN A 298 3.48 7.68 -2.19
CA ASN A 298 4.81 7.45 -1.61
C ASN A 298 5.46 8.75 -1.16
N PHE A 299 6.30 8.63 -0.14
CA PHE A 299 7.10 9.75 0.32
C PHE A 299 8.42 9.27 0.86
N ALA A 300 9.32 10.23 1.09
CA ALA A 300 10.67 9.92 1.60
C ALA A 300 11.03 10.85 2.76
N THR A 301 11.99 10.40 3.54
CA THR A 301 12.63 11.20 4.59
C THR A 301 14.13 10.95 4.47
N PRO A 302 14.97 11.67 5.23
CA PRO A 302 16.40 11.37 5.19
C PRO A 302 16.72 9.91 5.51
N ARG A 303 15.96 9.30 6.43
CA ARG A 303 16.22 7.90 6.81
C ARG A 303 15.94 6.90 5.66
N TRP A 304 15.12 7.30 4.69
CA TRP A 304 14.84 6.41 3.54
C TRP A 304 16.06 6.13 2.64
N ILE A 305 16.96 7.11 2.51
CA ILE A 305 17.97 7.06 1.45
C ILE A 305 18.72 5.72 1.50
N ASP A 306 19.15 5.29 2.69
CA ASP A 306 19.90 4.03 2.75
C ASP A 306 19.08 2.78 2.40
N TYR A 307 17.78 2.82 2.65
CA TYR A 307 16.88 1.76 2.16
C TYR A 307 16.74 1.80 0.65
N GLY A 308 16.61 2.98 0.07
CA GLY A 308 16.53 3.07 -1.39
C GLY A 308 17.73 2.47 -2.11
N LYS A 309 18.91 2.65 -1.53
CA LYS A 309 20.15 2.10 -2.09
C LYS A 309 20.18 0.58 -2.10
N MET A 310 19.44 -0.05 -1.19
CA MET A 310 19.47 -1.51 -1.00
C MET A 310 18.26 -2.23 -1.55
N ALA A 311 17.28 -1.49 -2.08
CA ALA A 311 16.01 -2.09 -2.49
C ALA A 311 16.22 -3.11 -3.62
N SER A 312 15.59 -4.29 -3.51
N SER A 312 15.55 -4.26 -3.51
CA SER A 312 15.66 -5.31 -4.57
CA SER A 312 15.52 -5.22 -4.60
C SER A 312 14.72 -4.92 -5.71
C SER A 312 14.87 -4.58 -5.80
N GLN A 313 15.16 -5.15 -6.96
CA GLN A 313 14.47 -4.76 -8.17
C GLN A 313 14.06 -5.92 -9.03
N CYS A 314 12.88 -5.78 -9.63
CA CYS A 314 12.39 -6.71 -10.65
C CYS A 314 13.01 -6.30 -11.99
N SER A 315 13.74 -7.20 -12.61
CA SER A 315 14.27 -7.01 -13.96
C SER A 315 13.73 -8.05 -14.96
N CYS A 316 12.71 -8.83 -14.55
CA CYS A 316 12.13 -9.85 -15.45
C CYS A 316 11.11 -9.31 -16.45
N GLY A 317 10.68 -8.06 -16.27
CA GLY A 317 9.70 -7.42 -17.14
C GLY A 317 8.30 -7.31 -16.57
N GLU A 318 8.00 -8.02 -15.48
CA GLU A 318 6.62 -8.10 -15.00
C GLU A 318 6.18 -6.85 -14.23
N ALA A 319 7.00 -6.35 -13.30
CA ALA A 319 6.57 -5.30 -12.36
C ALA A 319 6.21 -3.97 -13.07
N ARG A 320 5.15 -3.32 -12.59
CA ARG A 320 4.66 -2.07 -13.21
C ARG A 320 5.40 -0.89 -12.62
N VAL A 321 6.24 -0.25 -13.43
CA VAL A 321 7.08 0.84 -12.95
C VAL A 321 6.78 2.18 -13.65
N THR A 322 6.72 3.23 -12.86
CA THR A 322 6.51 4.59 -13.36
C THR A 322 7.83 5.15 -13.87
N PHE A 323 7.72 6.14 -14.77
CA PHE A 323 8.86 6.95 -15.23
C PHE A 323 9.74 7.48 -14.10
N SER A 324 9.11 7.86 -12.99
CA SER A 324 9.83 8.47 -11.89
C SER A 324 10.80 7.48 -11.20
N MET A 325 10.55 6.18 -11.27
CA MET A 325 11.49 5.24 -10.63
C MET A 325 12.86 5.17 -11.35
N ASP A 326 12.92 5.49 -12.64
CA ASP A 326 14.18 5.48 -13.41
C ASP A 326 15.26 6.23 -12.68
N ALA A 327 15.00 7.48 -12.32
CA ALA A 327 16.02 8.29 -11.68
C ALA A 327 16.47 7.76 -10.37
N PHE A 328 15.55 7.17 -9.60
N PHE A 328 15.57 7.16 -9.60
CA PHE A 328 15.92 6.63 -8.29
CA PHE A 328 15.97 6.62 -8.30
C PHE A 328 16.93 5.50 -8.50
C PHE A 328 16.91 5.42 -8.45
N VAL A 329 16.65 4.59 -9.44
CA VAL A 329 17.57 3.47 -9.73
C VAL A 329 18.88 4.02 -10.28
N ARG A 330 18.80 4.95 -11.21
CA ARG A 330 19.98 5.51 -11.85
C ARG A 330 20.95 6.14 -10.85
N ILE A 331 20.43 6.88 -9.89
CA ILE A 331 21.30 7.57 -8.93
C ILE A 331 21.64 6.71 -7.74
N LEU A 332 20.67 6.01 -7.16
CA LEU A 332 20.95 5.21 -5.96
C LEU A 332 21.57 3.84 -6.22
N GLN A 333 21.33 3.27 -7.41
N GLN A 333 21.27 3.24 -7.38
CA GLN A 333 21.74 1.88 -7.74
CA GLN A 333 21.76 1.90 -7.74
C GLN A 333 22.37 1.79 -9.13
C GLN A 333 22.32 1.88 -9.15
N PRO A 334 23.43 2.60 -9.38
CA PRO A 334 23.99 2.66 -10.73
C PRO A 334 24.43 1.31 -11.30
N GLU A 335 24.92 0.41 -10.45
N GLU A 335 24.93 0.41 -10.46
CA GLU A 335 25.32 -0.92 -10.92
CA GLU A 335 25.31 -0.89 -10.99
C GLU A 335 24.14 -1.70 -11.48
C GLU A 335 24.12 -1.66 -11.53
N ARG A 336 22.98 -1.57 -10.84
CA ARG A 336 21.76 -2.28 -11.26
C ARG A 336 21.10 -1.65 -12.45
N TYR A 337 21.40 -0.38 -12.74
CA TYR A 337 20.60 0.40 -13.67
C TYR A 337 20.44 -0.23 -15.05
N ASP A 338 21.56 -0.59 -15.63
CA ASP A 338 21.62 -1.28 -16.92
C ASP A 338 20.66 -2.47 -17.03
N LEU A 339 20.71 -3.37 -16.06
CA LEU A 339 19.84 -4.58 -16.05
C LEU A 339 18.36 -4.25 -15.81
N TRP A 340 18.10 -3.36 -14.87
CA TRP A 340 16.74 -2.92 -14.54
C TRP A 340 16.07 -2.25 -15.76
N LYS A 341 16.81 -1.39 -16.47
CA LYS A 341 16.28 -0.68 -17.65
C LYS A 341 15.91 -1.62 -18.78
N ARG A 342 16.77 -2.62 -19.00
CA ARG A 342 16.49 -3.70 -19.96
C ARG A 342 15.14 -4.39 -19.67
N GLY A 343 14.79 -4.54 -18.39
CA GLY A 343 13.48 -5.05 -17.98
C GLY A 343 12.30 -4.10 -18.16
N GLN A 344 12.54 -2.80 -17.97
CA GLN A 344 11.49 -1.77 -18.07
C GLN A 344 11.38 -1.21 -19.48
#